data_2JFZ
#
_entry.id   2JFZ
#
_cell.length_a   61.410
_cell.length_b   76.310
_cell.length_c   108.920
_cell.angle_alpha   90.00
_cell.angle_beta   90.00
_cell.angle_gamma   90.00
#
_symmetry.space_group_name_H-M   'P 21 21 21'
#
loop_
_entity.id
_entity.type
_entity.pdbx_description
1 polymer 'GLUTAMATE RACEMASE'
2 non-polymer 5-METHYL-7-(2-METHYLPROPYL)-2-(NAPHTHALEN-1-YLMETHYL)-3-PYRIDIN-4-YL-2H-PYRAZOLO[3,4-D]PYRIMIDINE-4,6(5H,7H)-DIONE
3 non-polymer 'D-GLUTAMIC ACID'
4 water water
#
_entity_poly.entity_id   1
_entity_poly.type   'polypeptide(L)'
_entity_poly.pdbx_seq_one_letter_code
;MKIGVFDSGVGGFSVLKSLLKARLFDEIIYYGDSARVPYGTKDPTTIKQFGLEALDFFKPHEIELLIVACNTASALALEE
MQKYSKIPIVGVIEPSILAIKRQVEDKNAPILVLGTKATIQSNAYDNALKQQGYLNISHLATSLFVPLIEESILEGELLE
TCMHYYFTPLEILPEVIILGCTHFPLIAQKIEGYFMGHFALPTPPLLIHSGDAIVEYLQQKYALKNNACTFPKVEFHASG
DVIWLERQAKEWLKL
;
_entity_poly.pdbx_strand_id   A,B
#
loop_
_chem_comp.id
_chem_comp.type
_chem_comp.name
_chem_comp.formula
003 non-polymer 5-METHYL-7-(2-METHYLPROPYL)-2-(NAPHTHALEN-1-YLMETHYL)-3-PYRIDIN-4-YL-2H-PYRAZOLO[3,4-D]PYRIMIDINE-4,6(5H,7H)-DIONE 'C26 H25 N5 O2'
#
# COMPACT_ATOMS: atom_id res chain seq x y z
N MET A 1 26.72 19.54 11.29
CA MET A 1 26.02 19.40 9.98
C MET A 1 24.62 18.83 10.24
N LYS A 2 23.62 19.53 9.72
CA LYS A 2 22.23 19.12 9.89
C LYS A 2 21.65 18.77 8.54
N ILE A 3 21.12 17.55 8.42
CA ILE A 3 20.54 17.12 7.17
C ILE A 3 19.15 16.53 7.31
N GLY A 4 18.51 16.27 6.18
CA GLY A 4 17.18 15.69 6.23
C GLY A 4 17.17 14.36 5.51
N VAL A 5 16.23 13.51 5.88
CA VAL A 5 16.07 12.21 5.24
C VAL A 5 14.58 12.07 4.92
N PHE A 6 14.30 11.83 3.65
CA PHE A 6 12.92 11.68 3.18
C PHE A 6 12.59 10.29 2.67
N ASP A 7 11.40 9.81 3.04
CA ASP A 7 10.92 8.51 2.60
C ASP A 7 9.40 8.54 2.56
N SER A 8 8.81 7.55 1.90
CA SER A 8 7.35 7.49 1.81
C SER A 8 6.74 7.14 3.19
N GLY A 9 7.57 6.62 4.08
CA GLY A 9 7.08 6.27 5.40
C GLY A 9 8.16 5.88 6.39
N VAL A 10 8.00 4.71 7.00
CA VAL A 10 8.97 4.22 7.98
C VAL A 10 10.06 3.38 7.31
N GLY A 11 9.81 2.98 6.07
CA GLY A 11 10.78 2.16 5.35
C GLY A 11 12.19 2.71 5.40
N GLY A 12 12.30 4.03 5.20
CA GLY A 12 13.59 4.70 5.21
C GLY A 12 14.45 4.41 6.43
N PHE A 13 13.86 3.80 7.44
CA PHE A 13 14.62 3.44 8.64
C PHE A 13 15.82 2.58 8.26
N SER A 14 15.66 1.73 7.23
CA SER A 14 16.74 0.86 6.81
C SER A 14 17.94 1.66 6.32
N VAL A 15 17.69 2.83 5.75
CA VAL A 15 18.76 3.70 5.29
C VAL A 15 19.29 4.52 6.46
N LEU A 16 18.39 4.98 7.32
CA LEU A 16 18.76 5.77 8.47
C LEU A 16 19.69 5.01 9.41
N LYS A 17 19.45 3.71 9.57
CA LYS A 17 20.29 2.88 10.43
C LYS A 17 21.76 2.94 9.96
N SER A 18 21.95 2.84 8.66
CA SER A 18 23.30 2.87 8.08
C SER A 18 23.95 4.22 8.32
N LEU A 19 23.17 5.28 8.12
CA LEU A 19 23.64 6.65 8.30
C LEU A 19 24.08 6.90 9.73
N LEU A 20 23.27 6.43 10.68
CA LEU A 20 23.58 6.60 12.09
C LEU A 20 24.89 5.94 12.48
N LYS A 21 25.08 4.69 12.06
CA LYS A 21 26.31 3.98 12.39
C LYS A 21 27.56 4.66 11.82
N ALA A 22 27.43 5.23 10.62
CA ALA A 22 28.56 5.89 9.96
C ALA A 22 28.95 7.27 10.55
N ARG A 23 28.19 7.74 11.53
CA ARG A 23 28.49 9.03 12.16
C ARG A 23 28.86 10.09 11.14
N LEU A 24 27.98 10.30 10.19
CA LEU A 24 28.21 11.27 9.14
C LEU A 24 27.62 12.63 9.48
N PHE A 25 26.52 12.62 10.23
CA PHE A 25 25.85 13.87 10.56
C PHE A 25 25.52 14.02 12.04
N ASP A 26 25.55 15.26 12.52
CA ASP A 26 25.29 15.58 13.92
C ASP A 26 23.80 15.73 14.24
N GLU A 27 23.01 16.03 13.21
CA GLU A 27 21.57 16.20 13.41
C GLU A 27 20.83 15.76 12.16
N ILE A 28 19.76 14.99 12.36
CA ILE A 28 18.98 14.49 11.25
C ILE A 28 17.50 14.71 11.47
N ILE A 29 16.83 15.21 10.43
CA ILE A 29 15.39 15.45 10.48
C ILE A 29 14.81 14.42 9.52
N TYR A 30 14.14 13.41 10.07
CA TYR A 30 13.54 12.36 9.27
C TYR A 30 12.08 12.71 8.99
N TYR A 31 11.67 12.59 7.72
CA TYR A 31 10.29 12.87 7.37
C TYR A 31 9.71 11.75 6.51
N GLY A 32 8.62 11.14 6.98
CA GLY A 32 7.97 10.08 6.23
C GLY A 32 6.58 10.53 5.83
N ASP A 33 6.24 10.41 4.55
CA ASP A 33 4.92 10.80 4.06
C ASP A 33 3.95 9.64 4.28
N SER A 34 3.91 9.18 5.53
CA SER A 34 3.11 8.04 5.95
C SER A 34 1.64 8.07 5.60
N ALA A 35 1.08 9.27 5.44
CA ALA A 35 -0.33 9.39 5.10
C ALA A 35 -0.61 8.95 3.67
N ARG A 36 0.43 8.91 2.85
CA ARG A 36 0.26 8.52 1.45
C ARG A 36 1.02 7.28 1.01
N VAL A 37 1.70 6.64 1.95
CA VAL A 37 2.45 5.43 1.62
C VAL A 37 1.43 4.37 1.19
N PRO A 38 1.78 3.51 0.23
CA PRO A 38 3.06 3.43 -0.48
C PRO A 38 3.13 4.27 -1.76
N TYR A 39 4.36 4.51 -2.18
CA TYR A 39 4.66 5.26 -3.41
C TYR A 39 4.85 4.27 -4.55
N GLY A 40 5.39 3.10 -4.22
CA GLY A 40 5.70 2.07 -5.21
C GLY A 40 4.64 1.63 -6.20
N THR A 41 3.37 1.81 -5.86
CA THR A 41 2.30 1.39 -6.76
C THR A 41 1.73 2.54 -7.56
N LYS A 42 2.33 3.72 -7.43
CA LYS A 42 1.81 4.88 -8.12
C LYS A 42 2.61 5.35 -9.32
N ASP A 43 2.08 6.36 -10.02
CA ASP A 43 2.69 6.90 -11.22
C ASP A 43 3.70 8.02 -10.99
N PRO A 44 4.57 8.26 -11.98
CA PRO A 44 5.62 9.28 -11.96
C PRO A 44 5.13 10.68 -11.60
N THR A 45 4.05 11.13 -12.25
CA THR A 45 3.52 12.45 -11.99
C THR A 45 3.17 12.63 -10.52
N THR A 46 2.44 11.67 -9.98
CA THR A 46 2.04 11.73 -8.57
C THR A 46 3.25 11.73 -7.66
N ILE A 47 4.21 10.86 -7.95
CA ILE A 47 5.41 10.76 -7.13
C ILE A 47 6.23 12.04 -7.14
N LYS A 48 6.42 12.62 -8.32
CA LYS A 48 7.18 13.86 -8.41
C LYS A 48 6.60 14.96 -7.55
N GLN A 49 5.28 15.13 -7.59
CA GLN A 49 4.65 16.15 -6.76
C GLN A 49 4.88 15.83 -5.29
N PHE A 50 4.82 14.56 -4.93
CA PHE A 50 5.06 14.17 -3.54
C PHE A 50 6.47 14.64 -3.16
N GLY A 51 7.42 14.41 -4.06
CA GLY A 51 8.79 14.80 -3.82
C GLY A 51 8.95 16.29 -3.62
N LEU A 52 8.23 17.07 -4.42
CA LEU A 52 8.31 18.52 -4.31
C LEU A 52 7.72 18.98 -2.99
N GLU A 53 6.60 18.38 -2.60
CA GLU A 53 5.96 18.76 -1.34
C GLU A 53 6.85 18.41 -0.15
N ALA A 54 7.71 17.41 -0.32
CA ALA A 54 8.61 17.04 0.76
C ALA A 54 9.60 18.17 0.99
N LEU A 55 10.04 18.79 -0.10
CA LEU A 55 10.97 19.91 -0.02
C LEU A 55 10.34 21.02 0.82
N ASP A 56 9.04 21.24 0.61
CA ASP A 56 8.35 22.28 1.37
C ASP A 56 8.42 21.96 2.86
N PHE A 57 8.26 20.69 3.21
CA PHE A 57 8.31 20.31 4.62
C PHE A 57 9.63 20.66 5.28
N PHE A 58 10.73 20.46 4.56
CA PHE A 58 12.06 20.72 5.12
C PHE A 58 12.54 22.18 5.18
N LYS A 59 11.89 23.06 4.42
CA LYS A 59 12.30 24.47 4.40
C LYS A 59 12.53 25.15 5.75
N PRO A 60 11.62 24.94 6.72
CA PRO A 60 11.76 25.55 8.05
C PRO A 60 12.90 24.93 8.87
N HIS A 61 13.22 23.68 8.55
CA HIS A 61 14.26 22.96 9.29
C HIS A 61 15.69 23.33 8.95
N GLU A 62 15.87 24.20 7.96
CA GLU A 62 17.20 24.63 7.53
C GLU A 62 18.24 23.52 7.47
N ILE A 63 17.98 22.52 6.62
CA ILE A 63 18.91 21.41 6.45
C ILE A 63 19.87 21.84 5.34
N GLU A 64 21.06 21.25 5.31
CA GLU A 64 22.04 21.61 4.28
C GLU A 64 22.15 20.57 3.19
N LEU A 65 21.51 19.43 3.38
CA LEU A 65 21.51 18.36 2.41
C LEU A 65 20.32 17.46 2.68
N LEU A 66 19.75 16.90 1.62
CA LEU A 66 18.61 16.03 1.75
C LEU A 66 18.89 14.67 1.14
N ILE A 67 18.64 13.62 1.90
CA ILE A 67 18.82 12.27 1.43
C ILE A 67 17.42 11.72 1.15
N VAL A 68 17.24 11.20 -0.06
CA VAL A 68 15.97 10.60 -0.43
C VAL A 68 16.23 9.13 -0.21
N ALA A 69 15.79 8.63 0.94
CA ALA A 69 16.01 7.23 1.29
C ALA A 69 15.12 6.30 0.49
N CYS A 70 14.00 6.82 0.02
CA CYS A 70 13.05 6.02 -0.75
C CYS A 70 13.59 5.74 -2.14
N ASN A 71 13.58 4.46 -2.53
CA ASN A 71 14.07 4.08 -3.85
C ASN A 71 13.07 4.51 -4.93
N THR A 72 11.80 4.43 -4.61
CA THR A 72 10.79 4.83 -5.57
C THR A 72 10.88 6.33 -5.82
N ALA A 73 10.98 7.11 -4.74
CA ALA A 73 11.10 8.56 -4.89
C ALA A 73 12.41 8.91 -5.60
N SER A 74 13.46 8.14 -5.31
CA SER A 74 14.74 8.39 -5.95
C SER A 74 14.64 8.17 -7.44
N ALA A 75 13.89 7.15 -7.83
CA ALA A 75 13.72 6.83 -9.24
C ALA A 75 12.81 7.79 -10.00
N LEU A 76 11.72 8.22 -9.37
CA LEU A 76 10.75 9.08 -10.04
C LEU A 76 10.75 10.58 -9.76
N ALA A 77 11.13 10.99 -8.55
CA ALA A 77 11.08 12.41 -8.21
C ALA A 77 12.40 13.12 -8.00
N LEU A 78 13.49 12.36 -7.88
CA LEU A 78 14.80 12.96 -7.65
C LEU A 78 15.19 14.08 -8.62
N GLU A 79 15.10 13.82 -9.92
CA GLU A 79 15.45 14.84 -10.90
C GLU A 79 14.67 16.14 -10.71
N GLU A 80 13.36 16.03 -10.50
CA GLU A 80 12.52 17.19 -10.33
C GLU A 80 12.86 17.92 -9.02
N MET A 81 13.16 17.15 -7.98
CA MET A 81 13.50 17.74 -6.70
C MET A 81 14.81 18.51 -6.79
N GLN A 82 15.79 17.91 -7.45
CA GLN A 82 17.11 18.54 -7.61
C GLN A 82 17.00 19.81 -8.45
N LYS A 83 16.06 19.81 -9.37
CA LYS A 83 15.86 20.96 -10.25
C LYS A 83 15.55 22.23 -9.47
N TYR A 84 14.68 22.14 -8.48
CA TYR A 84 14.29 23.31 -7.70
C TYR A 84 14.97 23.48 -6.34
N SER A 85 15.73 22.48 -5.91
CA SER A 85 16.39 22.57 -4.61
C SER A 85 17.68 23.36 -4.61
N LYS A 86 17.87 24.17 -3.57
CA LYS A 86 19.09 24.98 -3.43
C LYS A 86 20.17 24.18 -2.70
N ILE A 87 19.77 23.12 -2.01
CA ILE A 87 20.72 22.29 -1.30
C ILE A 87 20.88 20.99 -2.08
N PRO A 88 22.02 20.30 -1.91
CA PRO A 88 22.17 19.05 -2.65
C PRO A 88 21.19 17.98 -2.17
N ILE A 89 20.72 17.16 -3.10
CA ILE A 89 19.81 16.07 -2.79
C ILE A 89 20.42 14.80 -3.33
N VAL A 90 20.57 13.81 -2.46
CA VAL A 90 21.18 12.54 -2.81
C VAL A 90 20.17 11.42 -2.70
N GLY A 91 20.01 10.67 -3.78
CA GLY A 91 19.09 9.55 -3.78
C GLY A 91 19.84 8.26 -3.49
N VAL A 92 19.12 7.15 -3.50
CA VAL A 92 19.74 5.86 -3.20
C VAL A 92 20.03 4.98 -4.41
N ILE A 93 19.80 5.50 -5.61
CA ILE A 93 20.06 4.72 -6.81
C ILE A 93 21.50 4.85 -7.30
N GLU A 94 21.95 6.08 -7.57
CA GLU A 94 23.31 6.27 -8.06
C GLU A 94 24.36 5.65 -7.13
N PRO A 95 24.23 5.84 -5.81
CA PRO A 95 25.22 5.25 -4.89
C PRO A 95 25.36 3.74 -5.07
N SER A 96 24.25 3.06 -5.33
CA SER A 96 24.29 1.62 -5.54
C SER A 96 25.00 1.29 -6.85
N ILE A 97 24.76 2.10 -7.87
CA ILE A 97 25.39 1.90 -9.17
C ILE A 97 26.91 1.97 -8.99
N LEU A 98 27.36 2.98 -8.27
CA LEU A 98 28.79 3.16 -8.02
C LEU A 98 29.33 1.99 -7.17
N ALA A 99 28.55 1.55 -6.20
CA ALA A 99 28.95 0.43 -5.34
C ALA A 99 29.21 -0.79 -6.22
N ILE A 100 28.29 -1.05 -7.14
CA ILE A 100 28.43 -2.18 -8.05
C ILE A 100 29.66 -2.00 -8.94
N LYS A 101 29.84 -0.78 -9.43
CA LYS A 101 30.99 -0.46 -10.29
C LYS A 101 32.29 -0.83 -9.59
N ARG A 102 32.37 -0.51 -8.30
CA ARG A 102 33.57 -0.78 -7.52
C ARG A 102 33.78 -2.25 -7.19
N GLN A 103 32.70 -2.99 -6.92
CA GLN A 103 32.89 -4.39 -6.57
C GLN A 103 32.51 -5.46 -7.60
N VAL A 104 32.06 -5.03 -8.79
CA VAL A 104 31.71 -5.98 -9.83
C VAL A 104 32.47 -5.68 -11.13
N GLU A 105 33.62 -6.32 -11.30
CA GLU A 105 34.46 -6.12 -12.47
C GLU A 105 33.89 -6.74 -13.73
N ASP A 106 33.35 -7.96 -13.60
CA ASP A 106 32.78 -8.67 -14.74
C ASP A 106 31.54 -7.95 -15.25
N LYS A 107 31.66 -7.25 -16.37
CA LYS A 107 30.53 -6.53 -16.94
C LYS A 107 29.43 -7.48 -17.39
N ASN A 108 29.74 -8.77 -17.46
CA ASN A 108 28.78 -9.78 -17.86
C ASN A 108 28.15 -10.50 -16.69
N ALA A 109 28.49 -10.09 -15.47
CA ALA A 109 27.92 -10.70 -14.29
C ALA A 109 26.41 -10.47 -14.30
N PRO A 110 25.61 -11.54 -14.10
CA PRO A 110 24.17 -11.33 -14.12
C PRO A 110 23.72 -10.52 -12.90
N ILE A 111 23.09 -9.38 -13.17
CA ILE A 111 22.61 -8.52 -12.11
C ILE A 111 21.09 -8.55 -12.11
N LEU A 112 20.52 -8.69 -10.91
CA LEU A 112 19.08 -8.73 -10.76
C LEU A 112 18.61 -7.56 -9.89
N VAL A 113 17.76 -6.71 -10.46
CA VAL A 113 17.27 -5.54 -9.75
C VAL A 113 15.87 -5.82 -9.19
N LEU A 114 15.73 -5.69 -7.88
CA LEU A 114 14.44 -5.90 -7.22
C LEU A 114 13.94 -4.56 -6.68
N GLY A 115 12.65 -4.29 -6.88
CA GLY A 115 12.12 -3.03 -6.38
C GLY A 115 10.63 -2.97 -6.53
N THR A 116 10.06 -1.81 -6.25
CA THR A 116 8.61 -1.62 -6.39
C THR A 116 8.28 -1.61 -7.87
N LYS A 117 6.98 -1.66 -8.16
CA LYS A 117 6.49 -1.63 -9.52
C LYS A 117 6.94 -0.33 -10.19
N ALA A 118 6.84 0.77 -9.46
CA ALA A 118 7.23 2.07 -10.00
C ALA A 118 8.73 2.16 -10.28
N THR A 119 9.53 1.72 -9.32
CA THR A 119 10.98 1.76 -9.46
C THR A 119 11.45 0.94 -10.65
N ILE A 120 10.96 -0.29 -10.76
CA ILE A 120 11.36 -1.16 -11.86
C ILE A 120 10.88 -0.61 -13.21
N GLN A 121 9.62 -0.21 -13.27
CA GLN A 121 9.04 0.34 -14.49
C GLN A 121 9.86 1.52 -15.01
N SER A 122 10.48 2.27 -14.11
CA SER A 122 11.27 3.44 -14.47
C SER A 122 12.60 3.09 -15.13
N ASN A 123 13.09 1.88 -14.89
CA ASN A 123 14.36 1.42 -15.44
C ASN A 123 15.53 2.30 -14.98
N ALA A 124 15.31 3.02 -13.88
CA ALA A 124 16.35 3.87 -13.32
C ALA A 124 17.63 3.08 -13.13
N TYR A 125 17.51 1.89 -12.53
CA TYR A 125 18.68 1.06 -12.30
C TYR A 125 19.29 0.54 -13.59
N ASP A 126 18.46 -0.06 -14.43
CA ASP A 126 18.90 -0.62 -15.71
C ASP A 126 19.69 0.40 -16.53
N ASN A 127 19.13 1.59 -16.72
CA ASN A 127 19.79 2.63 -17.49
C ASN A 127 21.15 3.01 -16.93
N ALA A 128 21.22 3.26 -15.63
CA ALA A 128 22.47 3.62 -14.99
C ALA A 128 23.51 2.53 -15.17
N LEU A 129 23.09 1.28 -14.98
CA LEU A 129 24.03 0.16 -15.13
C LEU A 129 24.54 0.03 -16.56
N LYS A 130 23.64 0.18 -17.52
CA LYS A 130 24.03 0.09 -18.92
C LYS A 130 25.07 1.15 -19.22
N GLN A 131 24.82 2.37 -18.72
CA GLN A 131 25.75 3.48 -18.93
C GLN A 131 27.11 3.13 -18.36
N GLN A 132 27.14 2.30 -17.33
CA GLN A 132 28.40 1.91 -16.72
C GLN A 132 29.04 0.69 -17.38
N GLY A 133 28.46 0.26 -18.51
CA GLY A 133 29.02 -0.87 -19.24
C GLY A 133 28.53 -2.26 -18.91
N TYR A 134 27.56 -2.40 -18.00
CA TYR A 134 27.07 -3.73 -17.68
C TYR A 134 26.17 -4.27 -18.78
N LEU A 135 26.35 -5.55 -19.11
CA LEU A 135 25.62 -6.18 -20.21
C LEU A 135 24.65 -7.29 -19.84
N ASN A 136 24.52 -7.61 -18.56
CA ASN A 136 23.62 -8.69 -18.14
C ASN A 136 22.74 -8.16 -17.01
N ILE A 137 21.68 -7.44 -17.38
CA ILE A 137 20.77 -6.85 -16.39
C ILE A 137 19.36 -7.41 -16.45
N SER A 138 18.84 -7.82 -15.30
CA SER A 138 17.48 -8.34 -15.21
C SER A 138 16.78 -7.60 -14.08
N HIS A 139 15.48 -7.40 -14.20
CA HIS A 139 14.73 -6.71 -13.15
C HIS A 139 13.41 -7.40 -12.83
N LEU A 140 12.98 -7.27 -11.58
CA LEU A 140 11.73 -7.86 -11.10
C LEU A 140 11.02 -6.93 -10.13
N ALA A 141 9.75 -6.68 -10.37
CA ALA A 141 8.97 -5.85 -9.47
C ALA A 141 8.33 -6.78 -8.44
N THR A 142 9.01 -6.98 -7.31
CA THR A 142 8.50 -7.85 -6.25
C THR A 142 7.62 -7.00 -5.33
N SER A 143 6.58 -6.43 -5.93
CA SER A 143 5.66 -5.53 -5.23
C SER A 143 5.13 -6.00 -3.87
N LEU A 144 4.65 -7.24 -3.80
CA LEU A 144 4.10 -7.77 -2.55
C LEU A 144 5.06 -7.85 -1.37
N PHE A 145 6.36 -7.79 -1.64
CA PHE A 145 7.33 -7.83 -0.54
C PHE A 145 7.06 -6.66 0.40
N VAL A 146 6.69 -5.51 -0.14
CA VAL A 146 6.44 -4.33 0.69
C VAL A 146 5.35 -4.55 1.74
N PRO A 147 4.11 -4.86 1.33
CA PRO A 147 3.08 -5.06 2.37
C PRO A 147 3.36 -6.23 3.31
N LEU A 148 3.98 -7.30 2.79
CA LEU A 148 4.29 -8.44 3.63
C LEU A 148 5.22 -8.00 4.74
N ILE A 149 6.26 -7.26 4.36
CA ILE A 149 7.23 -6.78 5.32
C ILE A 149 6.59 -5.81 6.30
N GLU A 150 5.62 -5.03 5.85
CA GLU A 150 4.94 -4.10 6.75
C GLU A 150 4.04 -4.83 7.75
N GLU A 151 3.63 -6.05 7.42
CA GLU A 151 2.80 -6.85 8.31
C GLU A 151 3.71 -7.73 9.15
N SER A 152 5.01 -7.50 9.01
CA SER A 152 6.03 -8.25 9.73
C SER A 152 6.06 -9.73 9.38
N ILE A 153 5.87 -10.04 8.11
CA ILE A 153 5.92 -11.41 7.64
C ILE A 153 7.32 -11.54 7.06
N LEU A 154 8.27 -11.77 7.96
CA LEU A 154 9.69 -11.87 7.60
C LEU A 154 10.22 -13.30 7.51
N GLU A 155 9.31 -14.26 7.57
CA GLU A 155 9.65 -15.67 7.47
C GLU A 155 8.36 -16.46 7.40
N GLY A 156 8.46 -17.78 7.32
CA GLY A 156 7.25 -18.58 7.25
C GLY A 156 6.88 -18.95 5.83
N GLU A 157 5.85 -19.77 5.70
CA GLU A 157 5.40 -20.23 4.39
C GLU A 157 4.87 -19.15 3.46
N LEU A 158 4.20 -18.15 4.01
CA LEU A 158 3.64 -17.08 3.18
C LEU A 158 4.75 -16.31 2.45
N LEU A 159 5.82 -15.97 3.15
CA LEU A 159 6.93 -15.26 2.51
C LEU A 159 7.59 -16.17 1.50
N GLU A 160 7.81 -17.42 1.90
CA GLU A 160 8.44 -18.40 1.02
C GLU A 160 7.63 -18.55 -0.26
N THR A 161 6.32 -18.65 -0.12
CA THR A 161 5.46 -18.80 -1.28
C THR A 161 5.49 -17.54 -2.15
N CYS A 162 5.58 -16.37 -1.51
CA CYS A 162 5.61 -15.12 -2.24
C CYS A 162 6.93 -15.01 -3.02
N MET A 163 8.03 -15.39 -2.39
CA MET A 163 9.32 -15.33 -3.07
C MET A 163 9.29 -16.31 -4.25
N HIS A 164 8.68 -17.46 -4.02
CA HIS A 164 8.57 -18.48 -5.05
C HIS A 164 7.80 -17.93 -6.24
N TYR A 165 6.71 -17.22 -5.94
CA TYR A 165 5.87 -16.63 -6.97
C TYR A 165 6.67 -15.71 -7.89
N TYR A 166 7.52 -14.86 -7.31
CA TYR A 166 8.31 -13.90 -8.09
C TYR A 166 9.59 -14.46 -8.71
N PHE A 167 10.29 -15.31 -7.97
CA PHE A 167 11.56 -15.83 -8.43
C PHE A 167 11.56 -17.02 -9.39
N THR A 168 10.56 -17.89 -9.27
CA THR A 168 10.48 -19.08 -10.12
C THR A 168 10.65 -18.81 -11.62
N PRO A 169 10.02 -17.75 -12.15
CA PRO A 169 10.13 -17.44 -13.57
C PRO A 169 11.54 -17.06 -14.06
N LEU A 170 12.43 -16.75 -13.12
CA LEU A 170 13.79 -16.38 -13.49
C LEU A 170 14.58 -17.48 -14.18
N GLU A 171 15.25 -17.13 -15.27
CA GLU A 171 16.04 -18.09 -16.01
C GLU A 171 17.51 -17.69 -16.00
N ILE A 172 17.92 -17.04 -14.92
CA ILE A 172 19.31 -16.61 -14.77
C ILE A 172 19.83 -16.96 -13.38
N LEU A 173 21.15 -17.08 -13.26
CA LEU A 173 21.77 -17.38 -11.98
C LEU A 173 22.41 -16.06 -11.52
N PRO A 174 21.63 -15.22 -10.83
CA PRO A 174 22.16 -13.93 -10.37
C PRO A 174 23.42 -13.98 -9.51
N GLU A 175 24.35 -13.10 -9.83
CA GLU A 175 25.61 -13.00 -9.10
C GLU A 175 25.52 -11.73 -8.25
N VAL A 176 24.56 -10.87 -8.59
CA VAL A 176 24.36 -9.62 -7.88
C VAL A 176 22.87 -9.34 -7.76
N ILE A 177 22.42 -9.03 -6.56
CA ILE A 177 21.02 -8.72 -6.32
C ILE A 177 20.91 -7.36 -5.68
N ILE A 178 20.23 -6.45 -6.35
CA ILE A 178 20.05 -5.12 -5.79
C ILE A 178 18.77 -5.11 -4.97
N LEU A 179 18.89 -4.68 -3.72
CA LEU A 179 17.73 -4.60 -2.84
C LEU A 179 17.20 -3.18 -3.02
N GLY A 180 16.72 -2.91 -4.23
CA GLY A 180 16.22 -1.59 -4.61
C GLY A 180 14.92 -1.09 -4.00
N CYS A 181 14.77 -1.28 -2.70
CA CYS A 181 13.58 -0.84 -1.98
C CYS A 181 13.92 -0.78 -0.49
N THR A 182 13.47 0.29 0.18
CA THR A 182 13.73 0.47 1.61
C THR A 182 13.37 -0.73 2.47
N HIS A 183 12.34 -1.46 2.07
CA HIS A 183 11.86 -2.61 2.84
C HIS A 183 12.65 -3.91 2.71
N PHE A 184 13.26 -4.12 1.55
CA PHE A 184 13.95 -5.37 1.27
C PHE A 184 15.11 -5.83 2.18
N PRO A 185 15.85 -4.89 2.78
CA PRO A 185 16.93 -5.37 3.66
C PRO A 185 16.40 -6.26 4.79
N LEU A 186 15.13 -6.07 5.16
CA LEU A 186 14.54 -6.86 6.23
C LEU A 186 14.34 -8.34 5.91
N ILE A 187 14.45 -8.70 4.62
CA ILE A 187 14.32 -10.10 4.22
C ILE A 187 15.50 -10.50 3.33
N ALA A 188 16.58 -9.72 3.40
CA ALA A 188 17.76 -9.99 2.61
C ALA A 188 18.25 -11.42 2.78
N GLN A 189 18.39 -11.87 4.03
CA GLN A 189 18.85 -13.23 4.29
C GLN A 189 17.89 -14.25 3.71
N LYS A 190 16.59 -13.99 3.83
CA LYS A 190 15.58 -14.89 3.28
C LYS A 190 15.72 -14.96 1.76
N ILE A 191 16.01 -13.82 1.14
CA ILE A 191 16.17 -13.78 -0.30
C ILE A 191 17.42 -14.55 -0.71
N GLU A 192 18.52 -14.31 -0.01
CA GLU A 192 19.75 -15.03 -0.32
C GLU A 192 19.50 -16.52 -0.15
N GLY A 193 18.83 -16.86 0.95
CA GLY A 193 18.54 -18.25 1.22
C GLY A 193 17.70 -18.91 0.15
N TYR A 194 16.73 -18.17 -0.39
CA TYR A 194 15.87 -18.74 -1.43
C TYR A 194 16.71 -19.13 -2.64
N PHE A 195 17.56 -18.22 -3.10
CA PHE A 195 18.38 -18.52 -4.26
C PHE A 195 19.40 -19.63 -4.02
N MET A 196 19.95 -19.70 -2.81
CA MET A 196 20.92 -20.75 -2.52
C MET A 196 20.25 -22.12 -2.44
N GLY A 197 18.98 -22.14 -2.05
CA GLY A 197 18.27 -23.40 -1.93
C GLY A 197 17.40 -23.80 -3.12
N HIS A 198 17.15 -22.86 -4.02
CA HIS A 198 16.31 -23.14 -5.18
C HIS A 198 17.05 -23.01 -6.49
N PHE A 199 18.32 -22.64 -6.42
CA PHE A 199 19.15 -22.51 -7.61
C PHE A 199 20.49 -23.19 -7.35
N ALA A 200 21.21 -23.51 -8.40
CA ALA A 200 22.50 -24.17 -8.27
C ALA A 200 23.63 -23.15 -8.24
N LEU A 201 23.52 -22.17 -7.36
CA LEU A 201 24.55 -21.14 -7.26
C LEU A 201 25.73 -21.69 -6.45
N PRO A 202 26.96 -21.55 -6.97
CA PRO A 202 28.17 -22.02 -6.29
C PRO A 202 28.50 -21.25 -5.01
N THR A 203 28.10 -19.97 -5.00
CA THR A 203 28.32 -19.10 -3.85
C THR A 203 27.21 -18.05 -3.82
N PRO A 204 26.85 -17.60 -2.61
CA PRO A 204 25.80 -16.57 -2.46
C PRO A 204 26.08 -15.34 -3.32
N PRO A 205 25.03 -14.80 -3.94
CA PRO A 205 25.22 -13.60 -4.77
C PRO A 205 25.49 -12.39 -3.90
N LEU A 206 26.09 -11.35 -4.50
CA LEU A 206 26.37 -10.11 -3.78
C LEU A 206 25.06 -9.33 -3.66
N LEU A 207 24.68 -9.00 -2.44
CA LEU A 207 23.47 -8.23 -2.19
C LEU A 207 23.85 -6.77 -2.01
N ILE A 208 23.19 -5.89 -2.76
CA ILE A 208 23.49 -4.47 -2.65
C ILE A 208 22.45 -3.81 -1.75
N HIS A 209 22.93 -3.26 -0.64
CA HIS A 209 22.07 -2.59 0.33
C HIS A 209 22.10 -1.09 0.07
N SER A 210 20.94 -0.50 -0.19
CA SER A 210 20.87 0.93 -0.48
C SER A 210 21.49 1.84 0.58
N GLY A 211 21.32 1.48 1.85
CA GLY A 211 21.88 2.29 2.92
C GLY A 211 23.40 2.26 2.97
N ASP A 212 23.96 1.05 2.95
CA ASP A 212 25.41 0.95 2.98
C ASP A 212 26.01 1.64 1.76
N ALA A 213 25.34 1.50 0.63
CA ALA A 213 25.82 2.13 -0.61
C ALA A 213 25.84 3.65 -0.52
N ILE A 214 24.77 4.25 -0.02
CA ILE A 214 24.76 5.70 0.07
C ILE A 214 25.79 6.19 1.09
N VAL A 215 26.03 5.42 2.15
CA VAL A 215 27.04 5.79 3.15
C VAL A 215 28.39 5.89 2.44
N GLU A 216 28.73 4.86 1.65
CA GLU A 216 29.97 4.84 0.91
C GLU A 216 30.10 6.10 0.05
N TYR A 217 29.04 6.39 -0.71
CA TYR A 217 29.04 7.55 -1.58
C TYR A 217 29.24 8.86 -0.83
N LEU A 218 28.44 9.08 0.21
CA LEU A 218 28.52 10.29 1.01
C LEU A 218 29.92 10.52 1.59
N GLN A 219 30.52 9.46 2.13
CA GLN A 219 31.86 9.60 2.70
C GLN A 219 32.86 10.11 1.67
N GLN A 220 32.82 9.53 0.48
CA GLN A 220 33.75 9.94 -0.58
C GLN A 220 33.41 11.29 -1.18
N LYS A 221 32.18 11.43 -1.68
CA LYS A 221 31.74 12.68 -2.31
C LYS A 221 31.89 13.93 -1.45
N TYR A 222 31.44 13.86 -0.21
CA TYR A 222 31.51 14.99 0.70
C TYR A 222 32.65 14.95 1.71
N ALA A 223 33.59 14.04 1.48
CA ALA A 223 34.79 13.90 2.33
C ALA A 223 34.40 13.92 3.80
N LEU A 224 33.57 12.96 4.17
CA LEU A 224 33.10 12.85 5.55
C LEU A 224 33.88 11.72 6.22
N LYS A 225 34.63 12.03 7.28
CA LYS A 225 35.44 11.03 7.98
C LYS A 225 34.81 10.27 9.15
N ASN A 226 33.49 10.21 9.21
CA ASN A 226 32.80 9.49 10.28
C ASN A 226 33.11 10.02 11.68
N ASN A 227 33.18 11.33 11.84
CA ASN A 227 33.49 11.91 13.14
C ASN A 227 32.42 12.84 13.69
N ALA A 228 31.18 12.67 13.24
CA ALA A 228 30.07 13.50 13.72
C ALA A 228 29.70 13.08 15.15
N CYS A 229 28.79 13.82 15.77
CA CYS A 229 28.34 13.55 17.14
C CYS A 229 28.09 12.06 17.38
N THR A 230 28.46 11.61 18.57
CA THR A 230 28.25 10.22 18.91
C THR A 230 26.78 9.97 19.19
N PHE A 231 26.13 10.87 19.91
CA PHE A 231 24.72 10.65 20.14
C PHE A 231 24.02 11.89 19.67
N PRO A 232 23.79 11.90 18.34
CA PRO A 232 23.17 12.86 17.43
C PRO A 232 21.69 13.10 17.69
N LYS A 233 21.25 14.31 17.37
CA LYS A 233 19.86 14.67 17.56
C LYS A 233 19.08 14.28 16.31
N VAL A 234 18.06 13.47 16.53
CA VAL A 234 17.23 13.03 15.42
C VAL A 234 15.75 13.26 15.71
N GLU A 235 15.07 13.89 14.76
CA GLU A 235 13.65 14.15 14.91
C GLU A 235 12.90 13.34 13.87
N PHE A 236 11.70 12.89 14.22
CA PHE A 236 10.90 12.11 13.29
C PHE A 236 9.59 12.85 13.06
N HIS A 237 9.27 13.05 11.78
CA HIS A 237 8.06 13.74 11.39
C HIS A 237 7.39 12.89 10.33
N ALA A 238 6.09 13.10 10.12
CA ALA A 238 5.35 12.35 9.11
C ALA A 238 4.02 13.04 8.84
N SER A 239 3.39 12.68 7.73
CA SER A 239 2.10 13.25 7.37
C SER A 239 0.99 12.50 8.10
N GLY A 240 1.36 11.40 8.75
CA GLY A 240 0.40 10.60 9.49
C GLY A 240 1.09 9.56 10.35
N ASP A 241 0.34 8.91 11.25
CA ASP A 241 0.91 7.89 12.12
C ASP A 241 2.26 8.35 12.69
N VAL A 242 2.31 9.61 13.13
CA VAL A 242 3.55 10.18 13.69
C VAL A 242 3.87 9.61 15.07
N ILE A 243 2.83 9.48 15.89
CA ILE A 243 3.00 8.92 17.22
C ILE A 243 3.58 7.53 17.04
N TRP A 244 3.01 6.79 16.09
CA TRP A 244 3.48 5.44 15.79
C TRP A 244 4.93 5.47 15.30
N LEU A 245 5.22 6.38 14.37
CA LEU A 245 6.57 6.49 13.83
C LEU A 245 7.59 6.71 14.94
N GLU A 246 7.27 7.61 15.88
CA GLU A 246 8.19 7.89 16.99
C GLU A 246 8.44 6.66 17.84
N ARG A 247 7.40 5.86 18.03
CA ARG A 247 7.51 4.63 18.81
C ARG A 247 8.45 3.68 18.06
N GLN A 248 8.25 3.55 16.75
CA GLN A 248 9.11 2.68 15.96
C GLN A 248 10.57 3.10 16.08
N ALA A 249 10.81 4.41 16.09
CA ALA A 249 12.16 4.93 16.20
C ALA A 249 12.80 4.52 17.52
N LYS A 250 12.06 4.68 18.62
CA LYS A 250 12.58 4.31 19.93
C LYS A 250 12.80 2.80 20.05
N GLU A 251 11.86 2.04 19.51
CA GLU A 251 11.91 0.59 19.55
C GLU A 251 13.04 -0.03 18.73
N TRP A 252 13.22 0.47 17.50
CA TRP A 252 14.23 -0.11 16.61
C TRP A 252 15.54 0.64 16.42
N LEU A 253 15.53 1.96 16.59
CA LEU A 253 16.73 2.77 16.41
C LEU A 253 17.26 3.27 17.76
N LYS A 254 16.53 2.97 18.82
CA LYS A 254 16.92 3.39 20.16
C LYS A 254 17.07 4.91 20.25
N LEU A 255 16.23 5.61 19.49
CA LEU A 255 16.25 7.07 19.48
C LEU A 255 14.97 7.62 20.09
N MET B 1 -31.48 11.31 -11.18
CA MET B 1 -30.69 11.91 -10.08
C MET B 1 -29.20 11.90 -10.42
N LYS B 2 -28.49 12.91 -9.94
CA LYS B 2 -27.06 13.02 -10.15
C LYS B 2 -26.38 12.76 -8.81
N ILE B 3 -25.55 11.73 -8.75
CA ILE B 3 -24.88 11.39 -7.49
C ILE B 3 -23.36 11.28 -7.62
N GLY B 4 -22.70 11.23 -6.46
CA GLY B 4 -21.26 11.07 -6.44
C GLY B 4 -20.94 9.74 -5.80
N VAL B 5 -19.81 9.14 -6.18
CA VAL B 5 -19.36 7.87 -5.60
C VAL B 5 -17.91 8.09 -5.20
N PHE B 6 -17.60 7.86 -3.94
CA PHE B 6 -16.24 8.06 -3.44
C PHE B 6 -15.54 6.80 -2.95
N ASP B 7 -14.26 6.68 -3.29
CA ASP B 7 -13.43 5.55 -2.86
C ASP B 7 -11.98 6.00 -2.80
N SER B 8 -11.15 5.23 -2.11
CA SER B 8 -9.74 5.56 -2.00
C SER B 8 -9.06 5.37 -3.35
N GLY B 9 -9.71 4.63 -4.25
CA GLY B 9 -9.14 4.40 -5.55
C GLY B 9 -10.07 3.70 -6.52
N VAL B 10 -9.53 2.71 -7.22
CA VAL B 10 -10.29 1.94 -8.21
C VAL B 10 -11.15 0.85 -7.57
N GLY B 11 -10.83 0.52 -6.31
CA GLY B 11 -11.59 -0.51 -5.62
C GLY B 11 -13.09 -0.32 -5.63
N GLY B 12 -13.53 0.94 -5.54
CA GLY B 12 -14.94 1.25 -5.54
C GLY B 12 -15.69 0.73 -6.75
N PHE B 13 -14.96 0.23 -7.74
CA PHE B 13 -15.57 -0.30 -8.94
C PHE B 13 -16.52 -1.45 -8.56
N SER B 14 -16.19 -2.19 -7.51
CA SER B 14 -17.04 -3.31 -7.08
C SER B 14 -18.44 -2.82 -6.71
N VAL B 15 -18.53 -1.59 -6.22
CA VAL B 15 -19.82 -1.02 -5.86
C VAL B 15 -20.44 -0.34 -7.07
N LEU B 16 -19.62 0.38 -7.83
CA LEU B 16 -20.12 1.07 -9.01
C LEU B 16 -20.77 0.09 -9.98
N LYS B 17 -20.20 -1.11 -10.08
CA LYS B 17 -20.74 -2.13 -10.98
C LYS B 17 -22.17 -2.46 -10.58
N SER B 18 -22.41 -2.66 -9.29
CA SER B 18 -23.75 -2.96 -8.80
C SER B 18 -24.70 -1.82 -9.12
N LEU B 19 -24.26 -0.59 -8.87
CA LEU B 19 -25.08 0.58 -9.14
C LEU B 19 -25.45 0.63 -10.62
N LEU B 20 -24.47 0.46 -11.48
CA LEU B 20 -24.68 0.49 -12.92
C LEU B 20 -25.69 -0.57 -13.38
N LYS B 21 -25.55 -1.79 -12.88
CA LYS B 21 -26.44 -2.89 -13.26
C LYS B 21 -27.88 -2.57 -12.86
N ALA B 22 -28.04 -1.96 -11.70
CA ALA B 22 -29.37 -1.60 -11.19
C ALA B 22 -29.97 -0.40 -11.92
N ARG B 23 -29.18 0.25 -12.76
CA ARG B 23 -29.65 1.42 -13.52
C ARG B 23 -30.41 2.37 -12.62
N LEU B 24 -29.81 2.76 -11.51
CA LEU B 24 -30.46 3.67 -10.57
C LEU B 24 -30.27 5.16 -10.85
N PHE B 25 -29.09 5.54 -11.33
CA PHE B 25 -28.83 6.96 -11.57
C PHE B 25 -28.56 7.38 -12.99
N ASP B 26 -29.08 8.55 -13.36
CA ASP B 26 -28.88 9.08 -14.70
C ASP B 26 -27.45 9.57 -14.91
N GLU B 27 -26.81 10.01 -13.82
CA GLU B 27 -25.45 10.52 -13.90
C GLU B 27 -24.65 10.22 -12.64
N ILE B 28 -23.40 9.81 -12.82
CA ILE B 28 -22.53 9.46 -11.70
C ILE B 28 -21.15 10.11 -11.80
N ILE B 29 -20.71 10.71 -10.70
CA ILE B 29 -19.40 11.33 -10.64
C ILE B 29 -18.58 10.44 -9.69
N TYR B 30 -17.66 9.66 -10.26
CA TYR B 30 -16.82 8.77 -9.47
C TYR B 30 -15.48 9.40 -9.16
N TYR B 31 -15.08 9.40 -7.89
CA TYR B 31 -13.80 9.97 -7.50
C TYR B 31 -13.02 9.00 -6.62
N GLY B 32 -11.82 8.66 -7.08
CA GLY B 32 -10.97 7.76 -6.32
C GLY B 32 -9.73 8.54 -5.90
N ASP B 33 -9.48 8.61 -4.59
CA ASP B 33 -8.32 9.33 -4.08
C ASP B 33 -7.09 8.44 -4.23
N SER B 34 -6.87 7.98 -5.46
CA SER B 34 -5.78 7.06 -5.79
C SER B 34 -4.36 7.52 -5.47
N ALA B 35 -4.19 8.79 -5.13
CA ALA B 35 -2.87 9.27 -4.80
C ALA B 35 -2.50 8.82 -3.38
N ARG B 36 -3.52 8.55 -2.57
CA ARG B 36 -3.28 8.19 -1.18
C ARG B 36 -3.70 6.78 -0.73
N VAL B 37 -4.33 6.03 -1.64
CA VAL B 37 -4.73 4.67 -1.34
C VAL B 37 -3.48 3.86 -0.96
N PRO B 38 -3.59 2.91 -0.02
CA PRO B 38 -4.79 2.54 0.73
C PRO B 38 -5.06 3.37 1.96
N TYR B 39 -6.32 3.33 2.39
CA TYR B 39 -6.77 4.03 3.58
C TYR B 39 -6.73 3.05 4.76
N GLY B 40 -7.06 1.80 4.47
CA GLY B 40 -7.13 0.74 5.48
C GLY B 40 -5.94 0.46 6.38
N THR B 41 -4.76 0.94 5.98
CA THR B 41 -3.55 0.70 6.75
C THR B 41 -3.19 1.89 7.61
N LYS B 42 -4.03 2.91 7.56
CA LYS B 42 -3.72 4.11 8.29
C LYS B 42 -4.58 4.43 9.50
N ASP B 43 -4.07 5.36 10.29
CA ASP B 43 -4.83 5.67 11.49
C ASP B 43 -6.15 6.46 11.29
N PRO B 44 -7.15 6.30 12.20
CA PRO B 44 -8.45 6.99 12.09
C PRO B 44 -8.41 8.51 11.87
N THR B 45 -7.57 9.22 12.59
CA THR B 45 -7.53 10.67 12.41
C THR B 45 -7.14 11.06 10.97
N THR B 46 -6.29 10.26 10.33
CA THR B 46 -5.88 10.54 8.94
C THR B 46 -7.01 10.23 7.97
N ILE B 47 -7.70 9.12 8.20
CA ILE B 47 -8.80 8.70 7.35
C ILE B 47 -9.97 9.68 7.43
N LYS B 48 -10.29 10.14 8.63
CA LYS B 48 -11.40 11.07 8.77
C LYS B 48 -11.13 12.34 7.97
N GLN B 49 -9.91 12.86 8.06
CA GLN B 49 -9.55 14.07 7.31
C GLN B 49 -9.64 13.79 5.82
N PHE B 50 -9.21 12.61 5.39
CA PHE B 50 -9.30 12.25 3.98
C PHE B 50 -10.76 12.37 3.53
N GLY B 51 -11.68 11.88 4.37
CA GLY B 51 -13.09 11.95 4.05
C GLY B 51 -13.62 13.37 3.90
N LEU B 52 -13.23 14.26 4.81
CA LEU B 52 -13.67 15.65 4.74
C LEU B 52 -13.21 16.26 3.44
N GLU B 53 -11.94 16.02 3.10
CA GLU B 53 -11.38 16.54 1.88
C GLU B 53 -12.10 16.01 0.64
N ALA B 54 -12.60 14.77 0.72
CA ALA B 54 -13.32 14.19 -0.41
C ALA B 54 -14.58 15.03 -0.67
N LEU B 55 -15.23 15.49 0.39
CA LEU B 55 -16.44 16.30 0.24
C LEU B 55 -16.18 17.53 -0.63
N ASP B 56 -15.03 18.19 -0.42
CA ASP B 56 -14.69 19.37 -1.20
C ASP B 56 -14.64 19.10 -2.70
N PHE B 57 -14.13 17.94 -3.07
CA PHE B 57 -14.04 17.58 -4.49
C PHE B 57 -15.40 17.61 -5.19
N PHE B 58 -16.42 17.08 -4.52
CA PHE B 58 -17.75 17.01 -5.12
C PHE B 58 -18.57 18.30 -5.15
N LYS B 59 -18.20 19.28 -4.35
CA LYS B 59 -18.95 20.54 -4.28
C LYS B 59 -19.32 21.16 -5.62
N PRO B 60 -18.34 21.40 -6.51
CA PRO B 60 -18.67 22.00 -7.80
C PRO B 60 -19.54 21.11 -8.71
N HIS B 61 -19.58 19.81 -8.44
CA HIS B 61 -20.36 18.89 -9.27
C HIS B 61 -21.85 18.93 -8.94
N GLU B 62 -22.20 19.55 -7.82
CA GLU B 62 -23.59 19.67 -7.41
C GLU B 62 -24.32 18.35 -7.41
N ILE B 63 -23.72 17.34 -6.78
CA ILE B 63 -24.34 16.04 -6.68
C ILE B 63 -25.47 16.14 -5.65
N GLU B 64 -26.48 15.29 -5.80
CA GLU B 64 -27.63 15.30 -4.89
C GLU B 64 -27.47 14.37 -3.70
N LEU B 65 -26.55 13.42 -3.85
CA LEU B 65 -26.30 12.44 -2.80
C LEU B 65 -24.92 11.87 -3.03
N LEU B 66 -24.23 11.51 -1.96
CA LEU B 66 -22.90 10.94 -2.08
C LEU B 66 -22.84 9.52 -1.54
N ILE B 67 -22.22 8.64 -2.30
CA ILE B 67 -22.07 7.25 -1.88
C ILE B 67 -20.60 7.03 -1.56
N VAL B 68 -20.32 6.58 -0.33
CA VAL B 68 -18.95 6.29 0.06
C VAL B 68 -18.80 4.79 -0.16
N ALA B 69 -18.26 4.41 -1.31
CA ALA B 69 -18.07 3.01 -1.67
C ALA B 69 -17.03 2.32 -0.79
N CYS B 70 -16.09 3.11 -0.28
CA CYS B 70 -15.04 2.58 0.57
C CYS B 70 -15.56 2.13 1.94
N ASN B 71 -15.28 0.88 2.29
CA ASN B 71 -15.71 0.34 3.57
C ASN B 71 -14.93 0.99 4.72
N THR B 72 -13.66 1.30 4.44
CA THR B 72 -12.80 1.91 5.44
C THR B 72 -13.25 3.33 5.74
N ALA B 73 -13.49 4.10 4.70
CA ALA B 73 -13.95 5.48 4.89
C ALA B 73 -15.35 5.46 5.49
N SER B 74 -16.16 4.46 5.12
CA SER B 74 -17.51 4.33 5.65
C SER B 74 -17.44 4.06 7.16
N ALA B 75 -16.45 3.26 7.56
CA ALA B 75 -16.30 2.91 8.96
C ALA B 75 -15.70 4.00 9.83
N LEU B 76 -14.79 4.78 9.26
CA LEU B 76 -14.13 5.83 10.04
C LEU B 76 -14.53 7.27 9.81
N ALA B 77 -14.75 7.66 8.56
CA ALA B 77 -15.05 9.06 8.24
C ALA B 77 -16.51 9.47 8.01
N LEU B 78 -17.39 8.49 7.82
CA LEU B 78 -18.78 8.78 7.54
C LEU B 78 -19.46 9.73 8.52
N GLU B 79 -19.31 9.48 9.81
CA GLU B 79 -19.93 10.34 10.80
C GLU B 79 -19.51 11.79 10.65
N GLU B 80 -18.20 12.01 10.52
CA GLU B 80 -17.70 13.37 10.38
C GLU B 80 -18.14 14.02 9.07
N MET B 81 -18.11 13.24 7.98
CA MET B 81 -18.50 13.75 6.67
C MET B 81 -19.96 14.21 6.65
N GLN B 82 -20.83 13.42 7.27
CA GLN B 82 -22.25 13.75 7.32
C GLN B 82 -22.47 14.98 8.17
N LYS B 83 -21.63 15.17 9.16
CA LYS B 83 -21.74 16.33 10.03
C LYS B 83 -21.56 17.62 9.25
N TYR B 84 -20.59 17.65 8.33
CA TYR B 84 -20.33 18.84 7.55
C TYR B 84 -20.88 18.82 6.13
N SER B 85 -21.86 17.97 5.87
CA SER B 85 -22.45 17.87 4.54
C SER B 85 -23.95 18.15 4.58
N LYS B 86 -24.46 18.87 3.58
CA LYS B 86 -25.88 19.15 3.54
C LYS B 86 -26.61 18.08 2.74
N ILE B 87 -25.92 17.46 1.78
CA ILE B 87 -26.54 16.39 0.98
C ILE B 87 -26.37 15.08 1.74
N PRO B 88 -27.27 14.11 1.51
CA PRO B 88 -27.14 12.84 2.22
C PRO B 88 -25.89 12.07 1.78
N ILE B 89 -25.23 11.44 2.74
CA ILE B 89 -24.05 10.64 2.46
C ILE B 89 -24.37 9.22 2.91
N VAL B 90 -24.26 8.27 1.98
CA VAL B 90 -24.58 6.89 2.28
C VAL B 90 -23.34 6.02 2.20
N GLY B 91 -23.03 5.34 3.30
CA GLY B 91 -21.87 4.45 3.35
C GLY B 91 -22.28 3.02 3.02
N VAL B 92 -21.33 2.10 3.02
CA VAL B 92 -21.61 0.71 2.69
C VAL B 92 -21.75 -0.24 3.89
N ILE B 93 -21.69 0.31 5.09
CA ILE B 93 -21.81 -0.55 6.27
C ILE B 93 -23.25 -0.77 6.72
N GLU B 94 -23.99 0.32 6.98
CA GLU B 94 -25.38 0.18 7.42
C GLU B 94 -26.25 -0.58 6.44
N PRO B 95 -26.07 -0.34 5.13
CA PRO B 95 -26.87 -1.06 4.13
C PRO B 95 -26.68 -2.58 4.26
N SER B 96 -25.47 -2.99 4.60
CA SER B 96 -25.16 -4.40 4.75
C SER B 96 -25.83 -4.98 5.99
N ILE B 97 -25.89 -4.18 7.04
CA ILE B 97 -26.52 -4.62 8.28
C ILE B 97 -27.98 -4.94 7.98
N LEU B 98 -28.62 -4.09 7.20
CA LEU B 98 -30.03 -4.28 6.84
C LEU B 98 -30.22 -5.54 6.01
N ALA B 99 -29.28 -5.80 5.10
CA ALA B 99 -29.37 -6.99 4.24
C ALA B 99 -29.26 -8.23 5.12
N ILE B 100 -28.35 -8.19 6.07
CA ILE B 100 -28.14 -9.31 6.98
C ILE B 100 -29.41 -9.55 7.78
N LYS B 101 -30.08 -8.47 8.18
CA LYS B 101 -31.32 -8.61 8.94
C LYS B 101 -32.33 -9.40 8.13
N ARG B 102 -32.41 -9.10 6.84
CA ARG B 102 -33.34 -9.77 5.94
C ARG B 102 -32.95 -11.21 5.59
N GLN B 103 -31.65 -11.45 5.44
CA GLN B 103 -31.16 -12.76 5.05
C GLN B 103 -30.77 -13.70 6.19
N VAL B 104 -30.53 -13.16 7.38
CA VAL B 104 -30.12 -14.00 8.49
C VAL B 104 -31.05 -13.86 9.69
N GLU B 105 -32.09 -14.70 9.70
CA GLU B 105 -33.08 -14.69 10.77
C GLU B 105 -32.54 -15.19 12.11
N ASP B 106 -31.61 -16.13 12.05
CA ASP B 106 -31.03 -16.70 13.26
C ASP B 106 -30.00 -15.76 13.90
N LYS B 107 -30.36 -15.21 15.05
CA LYS B 107 -29.49 -14.29 15.78
C LYS B 107 -28.20 -14.93 16.29
N ASN B 108 -28.20 -16.25 16.35
CA ASN B 108 -27.03 -16.97 16.85
C ASN B 108 -26.10 -17.42 15.73
N ALA B 109 -26.49 -17.15 14.49
CA ALA B 109 -25.68 -17.53 13.34
C ALA B 109 -24.30 -16.89 13.45
N PRO B 110 -23.24 -17.69 13.35
CA PRO B 110 -21.86 -17.18 13.44
C PRO B 110 -21.58 -16.26 12.24
N ILE B 111 -21.32 -14.99 12.52
CA ILE B 111 -21.04 -14.02 11.46
C ILE B 111 -19.59 -13.57 11.52
N LEU B 112 -18.89 -13.66 10.40
CA LEU B 112 -17.49 -13.27 10.32
C LEU B 112 -17.33 -12.02 9.46
N VAL B 113 -16.75 -10.98 10.05
CA VAL B 113 -16.53 -9.72 9.34
C VAL B 113 -15.09 -9.69 8.84
N LEU B 114 -14.91 -9.45 7.54
CA LEU B 114 -13.58 -9.37 6.95
C LEU B 114 -13.40 -7.95 6.42
N GLY B 115 -12.24 -7.38 6.64
CA GLY B 115 -11.98 -6.03 6.15
C GLY B 115 -10.56 -5.59 6.40
N THR B 116 -10.28 -4.33 6.11
CA THR B 116 -8.94 -3.79 6.32
C THR B 116 -8.72 -3.66 7.82
N LYS B 117 -7.46 -3.47 8.21
CA LYS B 117 -7.14 -3.31 9.62
C LYS B 117 -7.94 -2.16 10.25
N ALA B 118 -8.04 -1.04 9.53
CA ALA B 118 -8.77 0.12 10.05
C ALA B 118 -10.25 -0.18 10.25
N THR B 119 -10.85 -0.83 9.25
CA THR B 119 -12.27 -1.16 9.35
C THR B 119 -12.54 -2.11 10.50
N ILE B 120 -11.72 -3.14 10.65
CA ILE B 120 -11.92 -4.11 11.72
C ILE B 120 -11.71 -3.50 13.11
N GLN B 121 -10.67 -2.70 13.29
CA GLN B 121 -10.43 -2.09 14.59
C GLN B 121 -11.53 -1.09 15.00
N SER B 122 -12.26 -0.57 14.03
CA SER B 122 -13.30 0.41 14.33
C SER B 122 -14.53 -0.27 14.95
N ASN B 123 -14.65 -1.57 14.74
CA ASN B 123 -15.80 -2.34 15.24
C ASN B 123 -17.10 -1.78 14.69
N ALA B 124 -17.02 -1.12 13.54
CA ALA B 124 -18.20 -0.54 12.93
C ALA B 124 -19.28 -1.61 12.73
N TYR B 125 -18.94 -2.71 12.08
CA TYR B 125 -19.91 -3.77 11.84
C TYR B 125 -20.39 -4.45 13.12
N ASP B 126 -19.44 -4.82 13.99
CA ASP B 126 -19.76 -5.50 15.23
C ASP B 126 -20.77 -4.70 16.04
N ASN B 127 -20.50 -3.42 16.24
CA ASN B 127 -21.39 -2.56 17.00
C ASN B 127 -22.77 -2.51 16.37
N ALA B 128 -22.81 -2.29 15.05
CA ALA B 128 -24.08 -2.23 14.34
C ALA B 128 -24.83 -3.55 14.48
N LEU B 129 -24.12 -4.67 14.32
CA LEU B 129 -24.72 -5.99 14.43
C LEU B 129 -25.22 -6.24 15.85
N LYS B 130 -24.42 -5.87 16.84
CA LYS B 130 -24.79 -6.07 18.23
C LYS B 130 -26.11 -5.34 18.49
N GLN B 131 -26.15 -4.09 18.06
CA GLN B 131 -27.31 -3.24 18.22
C GLN B 131 -28.57 -3.90 17.64
N GLN B 132 -28.40 -4.63 16.54
CA GLN B 132 -29.53 -5.29 15.90
C GLN B 132 -29.87 -6.66 16.45
N GLY B 133 -29.18 -7.07 17.52
CA GLY B 133 -29.49 -8.33 18.14
C GLY B 133 -28.67 -9.57 17.83
N TYR B 134 -27.60 -9.45 17.06
CA TYR B 134 -26.80 -10.62 16.77
C TYR B 134 -25.88 -10.96 17.94
N LEU B 135 -25.81 -12.26 18.26
CA LEU B 135 -25.05 -12.73 19.41
C LEU B 135 -23.73 -13.45 19.14
N ASN B 136 -23.45 -13.78 17.89
CA ASN B 136 -22.21 -14.48 17.55
C ASN B 136 -21.50 -13.73 16.43
N ILE B 137 -20.77 -12.69 16.81
CA ILE B 137 -20.05 -11.86 15.84
C ILE B 137 -18.54 -11.98 15.95
N SER B 138 -17.89 -12.26 14.82
CA SER B 138 -16.44 -12.39 14.77
C SER B 138 -15.90 -11.41 13.72
N HIS B 139 -14.64 -11.04 13.84
CA HIS B 139 -14.03 -10.14 12.87
C HIS B 139 -12.59 -10.54 12.61
N LEU B 140 -12.09 -10.20 11.43
CA LEU B 140 -10.73 -10.54 11.05
C LEU B 140 -10.16 -9.57 10.03
N ALA B 141 -9.01 -9.00 10.34
CA ALA B 141 -8.35 -8.07 9.44
C ALA B 141 -7.51 -8.87 8.44
N THR B 142 -8.01 -9.03 7.22
CA THR B 142 -7.28 -9.76 6.20
C THR B 142 -6.60 -8.70 5.35
N SER B 143 -5.69 -7.96 5.97
CA SER B 143 -5.00 -6.86 5.33
C SER B 143 -4.36 -7.13 3.97
N LEU B 144 -3.60 -8.23 3.87
CA LEU B 144 -2.90 -8.56 2.64
C LEU B 144 -3.80 -8.90 1.46
N PHE B 145 -5.09 -9.07 1.72
CA PHE B 145 -6.01 -9.36 0.62
C PHE B 145 -6.01 -8.19 -0.35
N VAL B 146 -5.96 -6.96 0.18
CA VAL B 146 -5.99 -5.77 -0.67
C VAL B 146 -4.86 -5.70 -1.70
N PRO B 147 -3.59 -5.75 -1.26
CA PRO B 147 -2.51 -5.69 -2.26
C PRO B 147 -2.47 -6.92 -3.18
N LEU B 148 -2.87 -8.08 -2.67
CA LEU B 148 -2.86 -9.28 -3.51
C LEU B 148 -3.85 -9.07 -4.65
N ILE B 149 -5.02 -8.56 -4.32
CA ILE B 149 -6.06 -8.32 -5.31
C ILE B 149 -5.65 -7.23 -6.30
N GLU B 150 -4.98 -6.19 -5.83
CA GLU B 150 -4.55 -5.13 -6.73
C GLU B 150 -3.48 -5.63 -7.70
N GLU B 151 -2.76 -6.68 -7.32
CA GLU B 151 -1.74 -7.23 -8.21
C GLU B 151 -2.32 -8.37 -9.03
N SER B 152 -3.64 -8.51 -8.97
CA SER B 152 -4.38 -9.54 -9.69
C SER B 152 -4.02 -10.97 -9.30
N ILE B 153 -3.78 -11.20 -8.01
CA ILE B 153 -3.46 -12.54 -7.52
C ILE B 153 -4.82 -13.05 -7.07
N LEU B 154 -5.64 -13.46 -8.03
CA LEU B 154 -7.01 -13.91 -7.79
C LEU B 154 -7.20 -15.42 -7.76
N GLU B 155 -6.12 -16.16 -7.89
CA GLU B 155 -6.18 -17.62 -7.86
C GLU B 155 -4.77 -18.11 -7.61
N GLY B 156 -4.61 -19.43 -7.50
CA GLY B 156 -3.30 -19.99 -7.29
C GLY B 156 -2.80 -20.12 -5.86
N GLU B 157 -1.61 -20.70 -5.77
CA GLU B 157 -0.92 -20.98 -4.52
C GLU B 157 -0.74 -19.78 -3.56
N LEU B 158 -0.37 -18.63 -4.11
CA LEU B 158 -0.14 -17.45 -3.27
C LEU B 158 -1.43 -16.99 -2.57
N LEU B 159 -2.53 -16.97 -3.31
CA LEU B 159 -3.80 -16.58 -2.72
C LEU B 159 -4.21 -17.64 -1.70
N GLU B 160 -4.09 -18.91 -2.08
CA GLU B 160 -4.44 -20.01 -1.17
C GLU B 160 -3.64 -19.90 0.13
N THR B 161 -2.34 -19.71 0.01
CA THR B 161 -1.48 -19.62 1.19
C THR B 161 -1.85 -18.43 2.06
N CYS B 162 -2.21 -17.31 1.43
CA CYS B 162 -2.58 -16.11 2.16
C CYS B 162 -3.91 -16.31 2.90
N MET B 163 -4.89 -16.90 2.22
CA MET B 163 -6.18 -17.14 2.86
C MET B 163 -5.99 -18.11 4.03
N HIS B 164 -5.12 -19.09 3.85
CA HIS B 164 -4.85 -20.08 4.89
C HIS B 164 -4.21 -19.38 6.09
N TYR B 165 -3.26 -18.50 5.80
CA TYR B 165 -2.56 -17.74 6.83
C TYR B 165 -3.56 -17.01 7.74
N TYR B 166 -4.55 -16.38 7.14
CA TYR B 166 -5.57 -15.64 7.88
C TYR B 166 -6.69 -16.48 8.50
N PHE B 167 -7.15 -17.50 7.77
CA PHE B 167 -8.28 -18.33 8.22
C PHE B 167 -8.01 -19.48 9.18
N THR B 168 -6.85 -20.10 9.02
CA THR B 168 -6.45 -21.21 9.88
C THR B 168 -6.67 -20.99 11.38
N PRO B 169 -6.22 -19.84 11.94
CA PRO B 169 -6.36 -19.48 13.36
C PRO B 169 -7.84 -19.33 13.84
N LEU B 170 -8.79 -19.27 12.91
CA LEU B 170 -10.20 -19.16 13.29
C LEU B 170 -10.64 -20.45 13.98
N GLU B 171 -11.45 -20.30 15.02
CA GLU B 171 -11.97 -21.45 15.75
C GLU B 171 -13.44 -21.62 15.43
N ILE B 172 -14.10 -20.49 15.15
CA ILE B 172 -15.52 -20.50 14.83
C ILE B 172 -15.70 -20.56 13.32
N LEU B 173 -16.50 -21.52 12.85
CA LEU B 173 -16.78 -21.67 11.43
C LEU B 173 -17.95 -20.74 11.09
N PRO B 174 -17.71 -19.75 10.22
CA PRO B 174 -18.77 -18.81 9.84
C PRO B 174 -19.88 -19.37 8.95
N GLU B 175 -21.08 -18.89 9.19
CA GLU B 175 -22.24 -19.29 8.39
C GLU B 175 -22.50 -18.11 7.47
N VAL B 176 -22.01 -16.95 7.90
CA VAL B 176 -22.15 -15.72 7.14
C VAL B 176 -20.82 -14.97 7.19
N ILE B 177 -20.37 -14.53 6.02
CA ILE B 177 -19.11 -13.78 5.93
C ILE B 177 -19.39 -12.45 5.24
N ILE B 178 -18.99 -11.36 5.89
CA ILE B 178 -19.18 -10.05 5.31
C ILE B 178 -17.91 -9.65 4.57
N LEU B 179 -18.05 -9.32 3.29
CA LEU B 179 -16.91 -8.90 2.49
C LEU B 179 -16.84 -7.38 2.69
N GLY B 180 -16.43 -6.99 3.90
CA GLY B 180 -16.36 -5.58 4.26
C GLY B 180 -15.18 -4.81 3.72
N CYS B 181 -14.94 -4.95 2.42
CA CYS B 181 -13.86 -4.26 1.73
C CYS B 181 -14.15 -4.29 0.24
N THR B 182 -13.94 -3.17 -0.43
CA THR B 182 -14.18 -3.04 -1.86
C THR B 182 -13.53 -4.11 -2.71
N HIS B 183 -12.34 -4.54 -2.31
CA HIS B 183 -11.58 -5.55 -3.06
C HIS B 183 -12.02 -7.00 -2.92
N PHE B 184 -12.56 -7.35 -1.77
CA PHE B 184 -12.93 -8.74 -1.49
C PHE B 184 -13.89 -9.45 -2.44
N PRO B 185 -14.82 -8.72 -3.08
CA PRO B 185 -15.70 -9.45 -4.00
C PRO B 185 -14.93 -10.16 -5.12
N LEU B 186 -13.74 -9.64 -5.46
CA LEU B 186 -12.95 -10.25 -6.51
C LEU B 186 -12.40 -11.63 -6.15
N ILE B 187 -12.45 -11.98 -4.86
CA ILE B 187 -12.00 -13.30 -4.44
C ILE B 187 -13.11 -13.98 -3.63
N ALA B 188 -14.35 -13.55 -3.88
CA ALA B 188 -15.51 -14.11 -3.19
C ALA B 188 -15.62 -15.62 -3.38
N GLN B 189 -15.60 -16.09 -4.62
CA GLN B 189 -15.71 -17.53 -4.86
C GLN B 189 -14.51 -18.30 -4.29
N LYS B 190 -13.36 -17.63 -4.17
CA LYS B 190 -12.18 -18.28 -3.61
C LYS B 190 -12.32 -18.43 -2.10
N ILE B 191 -12.88 -17.40 -1.45
CA ILE B 191 -13.09 -17.45 -0.01
C ILE B 191 -14.12 -18.54 0.25
N GLU B 192 -15.11 -18.61 -0.63
CA GLU B 192 -16.16 -19.59 -0.52
C GLU B 192 -15.54 -20.98 -0.68
N GLY B 193 -14.73 -21.13 -1.72
CA GLY B 193 -14.07 -22.38 -2.00
C GLY B 193 -13.15 -22.83 -0.87
N TYR B 194 -12.57 -21.87 -0.16
CA TYR B 194 -11.68 -22.21 0.95
C TYR B 194 -12.42 -22.96 2.05
N PHE B 195 -13.52 -22.38 2.54
CA PHE B 195 -14.27 -23.04 3.61
C PHE B 195 -14.93 -24.33 3.17
N MET B 196 -15.34 -24.39 1.91
CA MET B 196 -15.97 -25.59 1.38
C MET B 196 -14.94 -26.68 1.18
N GLY B 197 -13.68 -26.29 1.01
CA GLY B 197 -12.63 -27.28 0.80
C GLY B 197 -11.90 -27.66 2.08
N HIS B 198 -11.96 -26.81 3.09
CA HIS B 198 -11.27 -27.09 4.34
C HIS B 198 -12.15 -27.68 5.43
N PHE B 199 -13.46 -27.59 5.25
CA PHE B 199 -14.40 -28.13 6.21
C PHE B 199 -15.53 -28.87 5.48
N ALA B 200 -16.20 -29.76 6.19
CA ALA B 200 -17.30 -30.53 5.60
C ALA B 200 -18.58 -29.71 5.71
N LEU B 201 -18.92 -28.99 4.64
CA LEU B 201 -20.13 -28.16 4.64
C LEU B 201 -21.08 -28.50 3.49
N PRO B 202 -22.36 -28.74 3.81
CA PRO B 202 -23.37 -29.07 2.80
C PRO B 202 -23.69 -27.86 1.94
N THR B 203 -23.52 -26.68 2.51
CA THR B 203 -23.77 -25.43 1.81
C THR B 203 -22.71 -24.42 2.23
N PRO B 204 -22.22 -23.60 1.29
CA PRO B 204 -21.20 -22.61 1.60
C PRO B 204 -21.72 -21.47 2.48
N PRO B 205 -20.81 -20.76 3.14
CA PRO B 205 -21.22 -19.65 4.00
C PRO B 205 -21.84 -18.56 3.14
N LEU B 206 -22.82 -17.85 3.69
CA LEU B 206 -23.46 -16.77 2.96
C LEU B 206 -22.53 -15.56 2.94
N LEU B 207 -22.16 -15.11 1.74
CA LEU B 207 -21.29 -13.94 1.63
C LEU B 207 -22.14 -12.70 1.39
N ILE B 208 -21.81 -11.63 2.11
CA ILE B 208 -22.52 -10.37 1.99
C ILE B 208 -21.69 -9.41 1.15
N HIS B 209 -22.27 -8.98 0.02
CA HIS B 209 -21.63 -8.07 -0.91
C HIS B 209 -22.06 -6.62 -0.62
N SER B 210 -21.09 -5.73 -0.41
CA SER B 210 -21.39 -4.32 -0.10
C SER B 210 -22.18 -3.62 -1.19
N GLY B 211 -21.87 -3.94 -2.44
CA GLY B 211 -22.55 -3.33 -3.56
C GLY B 211 -24.01 -3.71 -3.65
N ASP B 212 -24.29 -5.01 -3.58
CA ASP B 212 -25.67 -5.47 -3.68
C ASP B 212 -26.48 -4.95 -2.49
N ALA B 213 -25.85 -4.89 -1.33
CA ALA B 213 -26.53 -4.42 -0.12
C ALA B 213 -26.93 -2.95 -0.24
N ILE B 214 -26.05 -2.11 -0.78
CA ILE B 214 -26.38 -0.70 -0.90
C ILE B 214 -27.41 -0.43 -2.00
N VAL B 215 -27.42 -1.25 -3.04
CA VAL B 215 -28.40 -1.06 -4.11
C VAL B 215 -29.80 -1.22 -3.52
N GLU B 216 -29.98 -2.28 -2.73
CA GLU B 216 -31.27 -2.54 -2.11
C GLU B 216 -31.70 -1.40 -1.21
N TYR B 217 -30.76 -0.87 -0.43
CA TYR B 217 -31.06 0.26 0.45
C TYR B 217 -31.49 1.48 -0.35
N LEU B 218 -30.71 1.82 -1.38
CA LEU B 218 -31.01 2.99 -2.20
C LEU B 218 -32.40 2.91 -2.85
N GLN B 219 -32.76 1.73 -3.34
CA GLN B 219 -34.07 1.54 -3.97
C GLN B 219 -35.17 1.70 -2.92
N GLN B 220 -34.90 1.19 -1.73
CA GLN B 220 -35.83 1.24 -0.62
C GLN B 220 -36.06 2.67 -0.14
N LYS B 221 -34.99 3.27 0.39
CA LYS B 221 -35.01 4.62 0.94
C LYS B 221 -35.33 5.73 -0.04
N TYR B 222 -34.81 5.65 -1.26
CA TYR B 222 -35.04 6.69 -2.24
C TYR B 222 -35.99 6.24 -3.34
N ALA B 223 -36.79 5.23 -3.06
CA ALA B 223 -37.72 4.70 -4.07
C ALA B 223 -37.06 4.86 -5.43
N LEU B 224 -35.83 4.40 -5.53
CA LEU B 224 -35.08 4.49 -6.79
C LEU B 224 -35.40 3.33 -7.74
N LYS B 225 -35.31 3.51 -8.98
N PRO B 232 -26.54 6.54 -19.62
CA PRO B 232 -26.10 6.92 -18.26
C PRO B 232 -24.72 7.58 -18.30
N LYS B 233 -24.64 8.83 -17.88
CA LYS B 233 -23.39 9.57 -17.88
C LYS B 233 -22.58 9.22 -16.64
N VAL B 234 -21.32 8.85 -16.84
CA VAL B 234 -20.43 8.50 -15.74
C VAL B 234 -19.05 9.06 -16.04
N GLU B 235 -18.53 9.88 -15.14
CA GLU B 235 -17.20 10.42 -15.35
C GLU B 235 -16.29 10.04 -14.17
N PHE B 236 -15.03 9.83 -14.48
CA PHE B 236 -14.06 9.43 -13.49
C PHE B 236 -13.03 10.49 -13.18
N HIS B 237 -12.70 10.61 -11.90
CA HIS B 237 -11.76 11.59 -11.42
C HIS B 237 -10.88 10.88 -10.41
N ALA B 238 -9.63 11.28 -10.32
CA ALA B 238 -8.68 10.66 -9.40
C ALA B 238 -7.58 11.61 -8.98
N SER B 239 -7.08 11.44 -7.76
CA SER B 239 -5.99 12.27 -7.27
C SER B 239 -4.70 11.68 -7.83
N GLY B 240 -4.78 10.43 -8.27
CA GLY B 240 -3.62 9.77 -8.87
C GLY B 240 -3.75 9.84 -10.38
N ASP B 241 -3.40 8.75 -11.05
CA ASP B 241 -3.49 8.72 -12.51
C ASP B 241 -4.92 8.50 -12.99
N VAL B 242 -5.59 9.59 -13.34
CA VAL B 242 -6.98 9.49 -13.80
C VAL B 242 -7.11 8.78 -15.15
N ILE B 243 -6.12 8.95 -16.02
CA ILE B 243 -6.19 8.29 -17.31
C ILE B 243 -6.18 6.77 -17.11
N TRP B 244 -5.37 6.30 -16.17
CA TRP B 244 -5.30 4.88 -15.87
C TRP B 244 -6.65 4.40 -15.35
N LEU B 245 -7.23 5.17 -14.43
CA LEU B 245 -8.52 4.81 -13.86
C LEU B 245 -9.59 4.73 -14.94
N GLU B 246 -9.56 5.65 -15.88
CA GLU B 246 -10.56 5.66 -16.95
C GLU B 246 -10.35 4.47 -17.86
N ARG B 247 -9.09 4.06 -18.02
CA ARG B 247 -8.76 2.93 -18.86
C ARG B 247 -9.31 1.67 -18.20
N GLN B 248 -9.23 1.62 -16.87
CA GLN B 248 -9.75 0.47 -16.12
C GLN B 248 -11.27 0.42 -16.26
N ALA B 249 -11.90 1.60 -16.22
CA ALA B 249 -13.35 1.68 -16.36
C ALA B 249 -13.77 1.16 -17.73
N LYS B 250 -13.02 1.53 -18.76
CA LYS B 250 -13.32 1.11 -20.11
C LYS B 250 -13.15 -0.41 -20.24
N GLU B 251 -12.10 -0.94 -19.64
CA GLU B 251 -11.84 -2.36 -19.72
C GLU B 251 -12.82 -3.22 -18.91
N TRP B 252 -13.10 -2.81 -17.68
CA TRP B 252 -13.98 -3.58 -16.83
C TRP B 252 -15.44 -3.19 -16.74
N LEU B 253 -15.74 -1.91 -16.96
CA LEU B 253 -17.12 -1.44 -16.89
C LEU B 253 -17.65 -1.08 -18.27
N LYS B 254 -16.77 -1.12 -19.26
CA LYS B 254 -17.12 -0.80 -20.64
C LYS B 254 -17.65 0.64 -20.70
N LEU B 255 -17.10 1.49 -19.85
CA LEU B 255 -17.49 2.90 -19.78
C LEU B 255 -16.28 3.79 -20.05
C2 003 C . 14.40 -4.46 12.19
O11 003 C . 15.59 -4.76 12.31
N3 003 C . 14.04 -3.13 12.04
C7 003 C . 15.05 -2.06 12.02
C8 003 C . 15.47 -1.55 10.61
C10 003 C . 16.47 -2.52 9.97
C9 003 C . 16.13 -0.15 10.69
C4 003 C . 12.72 -2.80 11.89
N16 003 C . 12.20 -1.66 11.73
N15 003 C . 10.86 -1.79 11.63
C23 003 C . 9.94 -0.65 11.39
C24 003 C . 9.35 -0.85 9.95
C29 003 C . 10.20 -0.93 8.79
C30 003 C . 11.64 -0.79 8.87
C31 003 C . 12.45 -0.88 7.71
C32 003 C . 11.84 -1.11 6.44
C33 003 C . 10.43 -1.24 6.33
C28 003 C . 9.61 -1.16 7.49
C27 003 C . 8.21 -1.30 7.37
C26 003 C . 7.37 -1.22 8.51
C25 003 C . 7.94 -1.00 9.80
C14 003 C . 10.50 -3.09 11.74
C17 003 C . 9.08 -3.64 11.68
C22 003 C . 8.15 -3.34 12.73
C21 003 C . 6.82 -3.84 12.65
N20 003 C . 6.45 -4.61 11.57
C19 003 C . 7.32 -4.93 10.56
C18 003 C . 8.65 -4.45 10.59
C5 003 C . 11.64 -3.80 11.90
C6 003 C . 12.07 -5.20 12.07
O13 003 C . 11.23 -6.08 12.09
N1 003 C . 13.42 -5.45 12.20
C12 003 C . 13.83 -6.85 12.35
N DGL D . 10.02 3.45 0.21
CA DGL D . 9.68 2.64 -0.95
C DGL D . 10.91 2.23 -1.76
O DGL D . 12.03 2.31 -1.21
CB DGL D . 8.89 1.37 -0.55
CG DGL D . 7.55 1.69 0.10
CD DGL D . 6.62 2.46 -0.87
OE1 DGL D . 6.27 1.90 -1.94
OE2 DGL D . 6.28 3.63 -0.60
OXT DGL D . 10.72 1.87 -2.93
C2 003 E . -13.24 -7.83 -12.38
O11 003 E . -14.31 -8.41 -12.53
N3 003 E . -13.19 -6.46 -12.23
C7 003 E . -14.40 -5.61 -12.29
C8 003 E . -15.43 -5.72 -11.12
C10 003 E . -16.34 -4.49 -11.22
C9 003 E . -14.77 -5.71 -9.73
C4 003 E . -11.99 -5.83 -12.06
N16 003 E . -11.77 -4.59 -11.90
N15 003 E . -10.46 -4.39 -11.75
C23 003 E . -9.88 -3.05 -11.49
C24 003 E . -9.32 -3.10 -10.03
C29 003 E . -10.15 -3.38 -8.87
C30 003 E . -11.56 -3.60 -8.99
C31 003 E . -12.34 -3.88 -7.83
C32 003 E . -11.74 -3.94 -6.55
C33 003 E . -10.34 -3.71 -6.42
C28 003 E . -9.55 -3.43 -7.56
C27 003 E . -8.15 -3.22 -7.40
C26 003 E . -7.34 -2.94 -8.53
C25 003 E . -7.91 -2.88 -9.83
C14 003 E . -9.80 -5.56 -11.82
C17 003 E . -8.29 -5.74 -11.71
C22 003 E . -7.42 -5.17 -12.70
C21 003 E . -6.03 -5.32 -12.58
N20 003 E . -5.49 -6.02 -11.53
C19 003 E . -6.29 -6.57 -10.56
C18 003 E . -7.70 -6.46 -10.62
C5 003 E . -10.71 -6.52 -12.00
C6 003 E . -10.77 -7.99 -12.16
O13 003 E . -9.73 -8.64 -12.12
N1 003 E . -12.04 -8.56 -12.33
C12 003 E . -12.11 -10.02 -12.47
N DGL F . -11.47 0.90 -0.24
CA DGL F . -10.94 0.15 0.92
C DGL F . -12.02 -0.60 1.65
O DGL F . -13.11 -0.77 1.09
CB DGL F . -9.82 -0.81 0.49
CG DGL F . -8.62 -0.07 -0.08
CD DGL F . -8.02 0.89 0.99
OE1 DGL F . -7.57 0.39 2.06
OE2 DGL F . -8.04 2.11 0.79
OXT DGL F . -11.75 -1.00 2.80
#